data_3MOY
#
_entry.id   3MOY
#
_cell.length_a   84.880
_cell.length_b   84.880
_cell.length_c   63.540
_cell.angle_alpha   90.000
_cell.angle_beta   90.000
_cell.angle_gamma   120.000
#
_symmetry.space_group_name_H-M   'P 63'
#
loop_
_entity.id
_entity.type
_entity.pdbx_description
1 polymer 'Probable enoyl-CoA hydratase'
2 non-polymer 'SULFATE ION'
3 non-polymer 2-AMINO-2-HYDROXYMETHYL-PROPANE-1,3-DIOL
4 non-polymer 1,2-ETHANEDIOL
5 non-polymer GLYCEROL
6 non-polymer 'SODIUM ION'
7 water water
#
_entity_poly.entity_id   1
_entity_poly.type   'polypeptide(L)'
_entity_poly.pdbx_seq_one_letter_code
;GPGSMTTYTTIATSRPVAGVGLIRLDRPDALNALNQTLEAEVLDAARDFDADLEIGAIVVTGSERAFAAGADIAEMVTLT
PHQARERNLLSGWDSLTQVRKPIVAAVAGYALGGGCELAMLCDLVIAADTARFGQPEITLGILPGLGGTQRLTRAVGKAK
AMDLCLTGRSLTAEEAERVGLVSRIVPAADLLDEALAVAQRIARMSRPAGRAVKDAINEAFERPLSAGMRYERDAFYAMF
DTHDQTEGMTAFLEKRTPEFTDR
;
_entity_poly.pdbx_strand_id   A
#
loop_
_chem_comp.id
_chem_comp.type
_chem_comp.name
_chem_comp.formula
EDO non-polymer 1,2-ETHANEDIOL 'C2 H6 O2'
GOL non-polymer GLYCEROL 'C3 H8 O3'
NA non-polymer 'SODIUM ION' 'Na 1'
SO4 non-polymer 'SULFATE ION' 'O4 S -2'
TRS non-polymer 2-AMINO-2-HYDROXYMETHYL-PROPANE-1,3-DIOL 'C4 H12 N O3 1'
#
# COMPACT_ATOMS: atom_id res chain seq x y z
N THR A 6 11.96 -6.15 -17.77
CA THR A 6 11.40 -7.48 -17.37
C THR A 6 9.99 -7.62 -17.96
N THR A 7 9.70 -8.82 -18.48
CA THR A 7 8.35 -9.11 -18.99
C THR A 7 7.54 -9.80 -17.90
N TYR A 8 6.32 -9.31 -17.70
CA TYR A 8 5.44 -9.86 -16.69
C TYR A 8 4.21 -10.44 -17.35
N THR A 9 3.59 -11.41 -16.68
CA THR A 9 2.40 -12.08 -17.20
C THR A 9 1.09 -11.63 -16.56
N THR A 10 1.15 -11.02 -15.37
CA THR A 10 -0.09 -10.66 -14.64
C THR A 10 -0.18 -9.19 -14.29
N ILE A 11 0.86 -8.44 -14.58
CA ILE A 11 0.90 -7.00 -14.32
C ILE A 11 1.53 -6.24 -15.48
N ALA A 12 1.27 -4.93 -15.54
CA ALA A 12 1.89 -4.04 -16.50
C ALA A 12 2.54 -2.91 -15.72
N THR A 13 3.82 -2.68 -15.96
CA THR A 13 4.54 -1.60 -15.29
C THR A 13 4.88 -0.48 -16.26
N SER A 14 5.00 0.73 -15.73
CA SER A 14 5.32 1.91 -16.52
C SER A 14 5.86 3.04 -15.65
N ARG A 15 6.37 4.10 -16.29
CA ARG A 15 6.79 5.34 -15.63
C ARG A 15 6.00 6.50 -16.26
N PRO A 16 4.73 6.65 -15.88
CA PRO A 16 3.82 7.54 -16.60
C PRO A 16 4.11 9.04 -16.43
N VAL A 17 4.66 9.42 -15.28
CA VAL A 17 5.09 10.79 -15.01
C VAL A 17 6.43 10.73 -14.30
N ALA A 18 7.18 11.83 -14.35
CA ALA A 18 8.51 11.88 -13.75
C ALA A 18 8.47 11.50 -12.28
N GLY A 19 9.37 10.61 -11.89
CA GLY A 19 9.53 10.24 -10.49
C GLY A 19 8.59 9.17 -9.96
N VAL A 20 7.69 8.67 -10.80
CA VAL A 20 6.64 7.73 -10.36
C VAL A 20 6.71 6.43 -11.12
N GLY A 21 6.71 5.32 -10.40
CA GLY A 21 6.57 4.01 -11.01
C GLY A 21 5.17 3.47 -10.79
N LEU A 22 4.52 3.01 -11.85
CA LEU A 22 3.17 2.47 -11.80
C LEU A 22 3.16 0.96 -12.00
N ILE A 23 2.46 0.27 -11.11
CA ILE A 23 2.21 -1.16 -11.20
C ILE A 23 0.71 -1.35 -11.37
N ARG A 24 0.29 -1.84 -12.54
CA ARG A 24 -1.13 -2.06 -12.81
C ARG A 24 -1.41 -3.56 -12.83
N LEU A 25 -2.29 -4.00 -11.94
CA LEU A 25 -2.69 -5.40 -11.93
C LEU A 25 -3.51 -5.70 -13.20
N ASP A 26 -3.20 -6.83 -13.85
CA ASP A 26 -3.74 -7.14 -15.18
C ASP A 26 -4.12 -8.62 -15.37
N ARG A 27 -5.05 -9.08 -14.53
CA ARG A 27 -5.72 -10.38 -14.67
C ARG A 27 -7.21 -10.13 -14.84
N PRO A 28 -7.64 -9.52 -15.96
CA PRO A 28 -9.04 -9.10 -16.07
C PRO A 28 -10.07 -10.23 -16.02
N ASP A 29 -9.71 -11.41 -16.52
CA ASP A 29 -10.60 -12.58 -16.45
C ASP A 29 -10.88 -13.02 -15.01
N ALA A 30 -9.94 -12.70 -14.11
CA ALA A 30 -10.03 -13.05 -12.70
C ALA A 30 -10.35 -11.86 -11.83
N LEU A 31 -10.72 -10.73 -12.45
CA LEU A 31 -10.93 -9.46 -11.70
C LEU A 31 -9.73 -9.17 -10.78
N ASN A 32 -8.52 -9.45 -11.30
CA ASN A 32 -7.24 -9.14 -10.64
C ASN A 32 -7.08 -9.89 -9.33
N ALA A 33 -7.71 -11.05 -9.23
CA ALA A 33 -7.53 -11.87 -8.02
C ALA A 33 -6.04 -12.12 -7.80
N LEU A 34 -5.63 -12.07 -6.53
CA LEU A 34 -4.23 -12.22 -6.18
C LEU A 34 -3.82 -13.70 -6.17
N ASN A 35 -3.03 -14.11 -7.17
CA ASN A 35 -2.45 -15.46 -7.15
C ASN A 35 -0.95 -15.40 -6.84
N GLN A 36 -0.27 -16.54 -6.83
CA GLN A 36 1.15 -16.58 -6.49
CA GLN A 36 1.13 -16.53 -6.46
C GLN A 36 2.04 -15.83 -7.48
N THR A 37 1.72 -15.99 -8.76
CA THR A 37 2.48 -15.30 -9.80
C THR A 37 2.37 -13.78 -9.65
N LEU A 38 1.15 -13.30 -9.43
CA LEU A 38 0.93 -11.85 -9.30
C LEU A 38 1.70 -11.30 -8.08
N GLU A 39 1.62 -12.03 -6.96
CA GLU A 39 2.39 -11.69 -5.77
C GLU A 39 3.88 -11.49 -6.08
N ALA A 40 4.49 -12.49 -6.74
CA ALA A 40 5.91 -12.40 -7.07
C ALA A 40 6.23 -11.28 -8.05
N GLU A 41 5.35 -11.09 -9.03
CA GLU A 41 5.57 -10.05 -10.02
C GLU A 41 5.44 -8.64 -9.41
N VAL A 42 4.42 -8.41 -8.57
CA VAL A 42 4.30 -7.12 -7.90
C VAL A 42 5.52 -6.86 -7.02
N LEU A 43 5.95 -7.85 -6.24
CA LEU A 43 7.13 -7.70 -5.39
C LEU A 43 8.36 -7.36 -6.22
N ASP A 44 8.58 -8.09 -7.30
CA ASP A 44 9.71 -7.83 -8.18
C ASP A 44 9.68 -6.41 -8.73
N ALA A 45 8.52 -5.99 -9.24
CA ALA A 45 8.39 -4.65 -9.82
C ALA A 45 8.65 -3.56 -8.78
N ALA A 46 8.12 -3.77 -7.58
CA ALA A 46 8.25 -2.78 -6.52
C ALA A 46 9.71 -2.67 -6.06
N ARG A 47 10.38 -3.81 -5.96
CA ARG A 47 11.79 -3.81 -5.63
C ARG A 47 12.65 -3.10 -6.68
N ASP A 48 12.31 -3.28 -7.95
CA ASP A 48 13.02 -2.57 -9.03
C ASP A 48 12.80 -1.07 -8.93
N PHE A 49 11.55 -0.65 -8.68
CA PHE A 49 11.29 0.78 -8.52
C PHE A 49 11.98 1.36 -7.27
N ASP A 50 12.04 0.57 -6.18
CA ASP A 50 12.70 1.00 -4.96
C ASP A 50 14.21 1.21 -5.18
N ALA A 51 14.79 0.40 -6.07
CA ALA A 51 16.22 0.50 -6.38
C ALA A 51 16.54 1.57 -7.43
N ASP A 52 15.52 2.07 -8.13
CA ASP A 52 15.72 3.06 -9.19
C ASP A 52 15.77 4.47 -8.62
N LEU A 53 16.96 5.07 -8.70
CA LEU A 53 17.22 6.39 -8.15
C LEU A 53 16.27 7.48 -8.67
N GLU A 54 15.79 7.32 -9.90
CA GLU A 54 14.91 8.30 -10.55
CA GLU A 54 14.92 8.34 -10.52
C GLU A 54 13.47 8.29 -10.01
N ILE A 55 13.12 7.22 -9.30
CA ILE A 55 11.75 7.03 -8.82
C ILE A 55 11.66 7.43 -7.33
N GLY A 56 10.64 8.21 -7.00
CA GLY A 56 10.42 8.67 -5.62
C GLY A 56 9.19 8.09 -4.93
N ALA A 57 8.31 7.52 -5.73
CA ALA A 57 7.06 6.93 -5.20
C ALA A 57 6.51 5.94 -6.19
N ILE A 58 5.76 4.97 -5.66
CA ILE A 58 5.19 3.90 -6.45
C ILE A 58 3.65 3.94 -6.30
N VAL A 59 2.93 3.68 -7.40
CA VAL A 59 1.47 3.58 -7.42
C VAL A 59 1.09 2.18 -7.82
N VAL A 60 0.19 1.55 -7.06
CA VAL A 60 -0.38 0.25 -7.40
C VAL A 60 -1.85 0.48 -7.72
N THR A 61 -2.31 0.00 -8.87
CA THR A 61 -3.72 0.14 -9.25
C THR A 61 -4.19 -1.11 -10.00
N GLY A 62 -5.51 -1.26 -10.13
CA GLY A 62 -6.09 -2.35 -10.94
C GLY A 62 -6.79 -1.77 -12.16
N SER A 63 -7.99 -2.26 -12.44
CA SER A 63 -8.79 -1.74 -13.55
C SER A 63 -9.90 -0.86 -12.98
N GLU A 64 -10.69 -0.29 -13.86
CA GLU A 64 -11.87 0.46 -13.45
C GLU A 64 -12.87 -0.37 -12.68
N ARG A 65 -12.90 -1.66 -12.98
CA ARG A 65 -13.88 -2.57 -12.39
C ARG A 65 -13.40 -3.15 -11.07
N ALA A 66 -12.09 -3.39 -10.98
CA ALA A 66 -11.53 -4.05 -9.80
C ALA A 66 -10.07 -3.70 -9.55
N PHE A 67 -9.81 -3.23 -8.32
CA PHE A 67 -8.45 -3.15 -7.83
C PHE A 67 -7.97 -4.60 -7.70
N ALA A 68 -8.65 -5.39 -6.87
CA ALA A 68 -8.44 -6.84 -6.83
C ALA A 68 -9.59 -7.45 -6.08
N ALA A 69 -10.34 -8.33 -6.74
CA ALA A 69 -11.46 -9.00 -6.11
C ALA A 69 -10.99 -10.33 -5.55
N GLY A 70 -10.39 -10.27 -4.36
CA GLY A 70 -10.03 -11.48 -3.59
C GLY A 70 -8.64 -12.00 -3.87
N ALA A 71 -8.20 -12.94 -3.05
CA ALA A 71 -7.13 -13.86 -3.43
C ALA A 71 -7.73 -14.87 -4.41
N ASP A 72 -6.89 -15.48 -5.23
CA ASP A 72 -7.36 -16.44 -6.24
C ASP A 72 -7.84 -17.74 -5.59
N ILE A 73 -9.15 -17.99 -5.68
CA ILE A 73 -9.76 -19.09 -4.93
C ILE A 73 -9.49 -20.44 -5.61
N ALA A 74 -9.40 -20.45 -6.93
CA ALA A 74 -9.05 -21.69 -7.63
C ALA A 74 -7.69 -22.22 -7.12
N GLU A 75 -6.78 -21.30 -6.82
CA GLU A 75 -5.46 -21.66 -6.29
C GLU A 75 -5.50 -22.08 -4.83
N MET A 76 -6.37 -21.47 -4.04
CA MET A 76 -6.40 -21.77 -2.60
CA MET A 76 -6.49 -21.70 -2.58
C MET A 76 -7.25 -22.98 -2.22
N VAL A 77 -8.19 -23.37 -3.08
CA VAL A 77 -9.15 -24.39 -2.67
C VAL A 77 -8.49 -25.71 -2.21
N THR A 78 -7.39 -26.06 -2.85
CA THR A 78 -6.71 -27.33 -2.59
C THR A 78 -5.63 -27.25 -1.53
N LEU A 79 -5.41 -26.06 -0.98
CA LEU A 79 -4.36 -25.85 0.00
CA LEU A 79 -4.36 -25.84 0.02
C LEU A 79 -4.60 -26.61 1.31
N THR A 80 -3.51 -27.06 1.92
CA THR A 80 -3.55 -27.71 3.22
C THR A 80 -2.79 -26.82 4.20
N PRO A 81 -3.00 -27.00 5.51
CA PRO A 81 -2.23 -26.18 6.45
C PRO A 81 -0.73 -26.35 6.33
N HIS A 82 -0.27 -27.58 6.16
CA HIS A 82 1.16 -27.77 6.05
C HIS A 82 1.74 -27.19 4.77
N GLN A 83 1.04 -27.29 3.65
CA GLN A 83 1.57 -26.71 2.43
C GLN A 83 1.57 -25.18 2.53
N ALA A 84 0.54 -24.61 3.14
CA ALA A 84 0.48 -23.16 3.27
C ALA A 84 1.67 -22.68 4.11
N ARG A 85 1.94 -23.38 5.20
CA ARG A 85 3.07 -23.02 6.06
C ARG A 85 4.42 -23.27 5.39
N GLU A 86 4.60 -24.47 4.81
CA GLU A 86 5.87 -24.78 4.13
C GLU A 86 6.21 -23.84 2.98
N ARG A 87 5.20 -23.34 2.25
CA ARG A 87 5.42 -22.42 1.13
CA ARG A 87 5.47 -22.43 1.14
C ARG A 87 5.49 -20.97 1.59
N ASN A 88 5.35 -20.72 2.86
CA ASN A 88 5.34 -19.37 3.39
C ASN A 88 4.32 -18.51 2.63
N LEU A 89 3.12 -19.02 2.50
CA LEU A 89 2.12 -18.37 1.69
C LEU A 89 1.89 -16.93 2.21
N LEU A 90 1.85 -16.01 1.26
CA LEU A 90 1.58 -14.55 1.47
C LEU A 90 2.82 -13.80 1.93
N SER A 91 3.95 -14.47 1.98
CA SER A 91 5.21 -13.86 2.46
CA SER A 91 5.19 -13.86 2.38
C SER A 91 5.74 -12.82 1.44
N GLY A 92 5.38 -12.95 0.19
CA GLY A 92 5.78 -11.95 -0.81
C GLY A 92 5.10 -10.63 -0.52
N TRP A 93 3.81 -10.70 -0.18
CA TRP A 93 3.10 -9.49 0.21
C TRP A 93 3.68 -8.88 1.49
N ASP A 94 4.07 -9.71 2.45
CA ASP A 94 4.78 -9.21 3.64
C ASP A 94 6.08 -8.49 3.26
N SER A 95 6.81 -9.06 2.30
CA SER A 95 8.06 -8.43 1.83
C SER A 95 7.81 -7.06 1.20
N LEU A 96 6.63 -6.86 0.64
CA LEU A 96 6.31 -5.58 0.02
C LEU A 96 6.33 -4.48 1.06
N THR A 97 6.09 -4.82 2.33
CA THR A 97 6.08 -3.83 3.41
C THR A 97 7.48 -3.32 3.71
N GLN A 98 8.51 -3.99 3.15
CA GLN A 98 9.92 -3.59 3.35
CA GLN A 98 9.92 -3.63 3.34
C GLN A 98 10.45 -2.64 2.28
N VAL A 99 9.63 -2.34 1.28
CA VAL A 99 10.00 -1.35 0.27
C VAL A 99 10.09 0.02 0.99
N ARG A 100 11.17 0.76 0.72
CA ARG A 100 11.47 1.96 1.50
C ARG A 100 10.74 3.22 1.04
N LYS A 101 10.55 3.37 -0.28
CA LYS A 101 9.80 4.49 -0.85
C LYS A 101 8.30 4.33 -0.60
N PRO A 102 7.57 5.44 -0.59
CA PRO A 102 6.13 5.35 -0.37
C PRO A 102 5.39 4.66 -1.52
N ILE A 103 4.34 3.92 -1.15
CA ILE A 103 3.47 3.23 -2.07
C ILE A 103 2.04 3.75 -1.90
N VAL A 104 1.47 4.21 -3.01
CA VAL A 104 0.11 4.77 -3.05
C VAL A 104 -0.78 3.75 -3.75
N ALA A 105 -1.77 3.22 -3.05
CA ALA A 105 -2.80 2.40 -3.70
C ALA A 105 -3.86 3.28 -4.33
N ALA A 106 -4.13 3.07 -5.63
CA ALA A 106 -5.19 3.80 -6.31
C ALA A 106 -6.31 2.80 -6.61
N VAL A 107 -7.40 2.88 -5.83
CA VAL A 107 -8.40 1.81 -5.79
C VAL A 107 -9.69 2.22 -6.49
N ALA A 108 -10.02 1.54 -7.58
CA ALA A 108 -11.33 1.68 -8.22
C ALA A 108 -12.07 0.36 -8.10
N GLY A 109 -13.41 0.44 -7.99
CA GLY A 109 -14.20 -0.78 -7.99
C GLY A 109 -13.86 -1.71 -6.84
N TYR A 110 -13.88 -3.02 -7.08
CA TYR A 110 -13.74 -3.98 -5.97
C TYR A 110 -12.33 -4.10 -5.39
N ALA A 111 -12.25 -3.91 -4.06
CA ALA A 111 -11.05 -4.23 -3.31
C ALA A 111 -11.52 -5.13 -2.17
N LEU A 112 -11.58 -6.42 -2.47
CA LEU A 112 -12.18 -7.42 -1.58
C LEU A 112 -11.16 -8.44 -1.13
N GLY A 113 -11.24 -8.86 0.13
CA GLY A 113 -10.39 -9.96 0.59
C GLY A 113 -8.94 -9.54 0.50
N GLY A 114 -8.13 -10.38 -0.15
CA GLY A 114 -6.74 -10.02 -0.34
C GLY A 114 -6.54 -8.66 -1.03
N GLY A 115 -7.49 -8.26 -1.86
CA GLY A 115 -7.42 -6.96 -2.52
C GLY A 115 -7.58 -5.80 -1.53
N CYS A 116 -8.48 -5.93 -0.55
CA CYS A 116 -8.61 -4.92 0.49
C CYS A 116 -7.31 -4.91 1.31
N GLU A 117 -6.80 -6.10 1.60
CA GLU A 117 -5.55 -6.21 2.37
C GLU A 117 -4.38 -5.57 1.63
N LEU A 118 -4.32 -5.75 0.31
CA LEU A 118 -3.29 -5.07 -0.48
C LEU A 118 -3.39 -3.55 -0.35
N ALA A 119 -4.61 -3.02 -0.46
CA ALA A 119 -4.76 -1.57 -0.29
C ALA A 119 -4.27 -1.13 1.10
N MET A 120 -4.62 -1.88 2.14
CA MET A 120 -4.26 -1.53 3.53
C MET A 120 -2.77 -1.63 3.84
N LEU A 121 -2.06 -2.52 3.11
CA LEU A 121 -0.63 -2.63 3.34
C LEU A 121 0.16 -1.50 2.67
N CYS A 122 -0.44 -0.86 1.68
CA CYS A 122 0.14 0.34 1.07
C CYS A 122 0.14 1.50 2.07
N ASP A 123 0.82 2.59 1.74
CA ASP A 123 0.95 3.69 2.70
C ASP A 123 -0.23 4.65 2.61
N LEU A 124 -0.56 5.08 1.39
CA LEU A 124 -1.77 5.89 1.16
C LEU A 124 -2.76 5.06 0.37
N VAL A 125 -4.04 5.36 0.52
CA VAL A 125 -5.09 4.80 -0.36
C VAL A 125 -5.89 5.96 -0.95
N ILE A 126 -5.89 6.08 -2.28
CA ILE A 126 -6.75 7.05 -2.97
C ILE A 126 -7.85 6.16 -3.55
N ALA A 127 -9.11 6.46 -3.18
CA ALA A 127 -10.24 5.65 -3.61
C ALA A 127 -11.13 6.40 -4.60
N ALA A 128 -11.48 5.73 -5.69
CA ALA A 128 -12.57 6.24 -6.53
C ALA A 128 -13.86 6.16 -5.72
N ASP A 129 -14.83 7.01 -6.07
CA ASP A 129 -16.14 6.93 -5.43
C ASP A 129 -16.83 5.58 -5.65
N THR A 130 -16.38 4.84 -6.67
CA THR A 130 -16.85 3.49 -7.01
C THR A 130 -16.21 2.37 -6.20
N ALA A 131 -15.20 2.72 -5.44
CA ALA A 131 -14.48 1.70 -4.67
C ALA A 131 -15.38 1.03 -3.61
N ARG A 132 -15.20 -0.28 -3.46
CA ARG A 132 -15.89 -1.07 -2.44
C ARG A 132 -14.85 -1.92 -1.71
N PHE A 133 -14.82 -1.82 -0.38
CA PHE A 133 -13.83 -2.51 0.45
C PHE A 133 -14.50 -3.53 1.35
N GLY A 134 -14.03 -4.76 1.30
CA GLY A 134 -14.61 -5.81 2.14
C GLY A 134 -13.62 -6.90 2.43
N GLN A 135 -13.98 -7.71 3.42
CA GLN A 135 -13.24 -8.93 3.81
C GLN A 135 -14.21 -10.12 3.89
N PRO A 136 -14.60 -10.66 2.73
CA PRO A 136 -15.61 -11.73 2.76
C PRO A 136 -15.03 -13.15 2.93
N GLU A 137 -13.80 -13.24 3.45
CA GLU A 137 -13.17 -14.55 3.72
C GLU A 137 -14.09 -15.51 4.47
N ILE A 138 -14.86 -15.01 5.44
CA ILE A 138 -15.68 -15.92 6.27
C ILE A 138 -16.69 -16.68 5.38
N THR A 139 -17.12 -16.05 4.28
CA THR A 139 -18.12 -16.68 3.40
C THR A 139 -17.55 -17.88 2.68
N LEU A 140 -16.21 -17.97 2.66
CA LEU A 140 -15.47 -19.07 2.02
C LEU A 140 -14.98 -20.08 3.07
N GLY A 141 -15.36 -19.90 4.33
CA GLY A 141 -14.90 -20.81 5.37
C GLY A 141 -13.50 -20.57 5.90
N ILE A 142 -12.96 -19.38 5.66
CA ILE A 142 -11.64 -19.00 6.17
C ILE A 142 -11.74 -17.65 6.92
N LEU A 143 -10.58 -17.09 7.28
CA LEU A 143 -10.53 -15.71 7.78
C LEU A 143 -9.44 -14.99 6.99
N PRO A 144 -9.36 -13.66 7.08
CA PRO A 144 -8.29 -12.94 6.41
C PRO A 144 -6.92 -13.38 6.90
N GLY A 145 -5.95 -13.47 6.00
CA GLY A 145 -4.61 -13.86 6.33
C GLY A 145 -3.54 -12.86 5.98
N LEU A 146 -3.95 -11.69 5.47
CA LEU A 146 -2.99 -10.67 5.06
C LEU A 146 -3.31 -9.32 5.75
N GLY A 147 -3.79 -9.37 6.98
CA GLY A 147 -4.07 -8.14 7.77
C GLY A 147 -5.51 -7.70 7.77
N GLY A 148 -6.42 -8.44 7.15
CA GLY A 148 -7.81 -8.08 7.21
C GLY A 148 -8.43 -8.07 8.59
N THR A 149 -7.79 -8.74 9.55
CA THR A 149 -8.21 -8.60 10.96
C THR A 149 -7.31 -7.70 11.82
N GLN A 150 -6.17 -7.32 11.24
CA GLN A 150 -5.13 -6.61 11.98
C GLN A 150 -5.01 -5.16 11.53
N ARG A 151 -4.75 -4.95 10.24
CA ARG A 151 -4.68 -3.58 9.72
C ARG A 151 -6.08 -2.99 9.66
N LEU A 152 -7.11 -3.79 9.33
CA LEU A 152 -8.45 -3.23 9.24
C LEU A 152 -8.91 -2.72 10.60
N THR A 153 -8.74 -3.55 11.63
CA THR A 153 -9.17 -3.16 12.96
C THR A 153 -8.48 -1.89 13.43
N ARG A 154 -7.16 -1.80 13.18
CA ARG A 154 -6.39 -0.62 13.57
C ARG A 154 -6.87 0.63 12.84
N ALA A 155 -7.35 0.49 11.61
CA ALA A 155 -7.79 1.65 10.83
C ALA A 155 -9.20 2.08 11.21
N VAL A 156 -10.13 1.14 11.24
CA VAL A 156 -11.55 1.50 11.30
C VAL A 156 -12.22 1.26 12.62
N GLY A 157 -11.56 0.53 13.53
CA GLY A 157 -12.16 0.22 14.83
C GLY A 157 -12.79 -1.17 14.87
N LYS A 158 -13.03 -1.66 16.09
CA LYS A 158 -13.53 -3.01 16.26
C LYS A 158 -14.93 -3.23 15.65
N ALA A 159 -15.85 -2.30 15.90
CA ALA A 159 -17.23 -2.54 15.47
C ALA A 159 -17.34 -2.70 13.94
N LYS A 160 -16.64 -1.85 13.18
CA LYS A 160 -16.67 -1.99 11.71
C LYS A 160 -15.86 -3.20 11.25
N ALA A 161 -14.73 -3.48 11.90
CA ALA A 161 -13.95 -4.64 11.47
C ALA A 161 -14.72 -5.92 11.72
N MET A 162 -15.35 -6.05 12.89
CA MET A 162 -16.19 -7.21 13.19
C MET A 162 -17.34 -7.37 12.17
N ASP A 163 -17.98 -6.24 11.82
CA ASP A 163 -19.10 -6.28 10.85
C ASP A 163 -18.59 -6.80 9.52
N LEU A 164 -17.53 -6.20 9.01
CA LEU A 164 -17.02 -6.64 7.71
C LEU A 164 -16.62 -8.11 7.74
N CYS A 165 -15.87 -8.51 8.75
CA CYS A 165 -15.25 -9.83 8.68
C CYS A 165 -16.20 -10.95 9.10
N LEU A 166 -17.31 -10.61 9.79
CA LEU A 166 -18.29 -11.63 10.15
C LEU A 166 -19.48 -11.68 9.21
N THR A 167 -19.80 -10.56 8.57
CA THR A 167 -21.01 -10.54 7.71
C THR A 167 -20.70 -10.55 6.25
N GLY A 168 -19.46 -10.23 5.89
CA GLY A 168 -19.06 -10.15 4.49
C GLY A 168 -19.51 -8.90 3.77
N ARG A 169 -20.09 -7.93 4.46
CA ARG A 169 -20.48 -6.72 3.75
C ARG A 169 -19.31 -5.84 3.31
N SER A 170 -19.55 -5.02 2.29
CA SER A 170 -18.53 -4.06 1.87
C SER A 170 -18.80 -2.67 2.40
N LEU A 171 -17.75 -1.86 2.54
CA LEU A 171 -17.89 -0.43 2.77
C LEU A 171 -17.84 0.28 1.43
N THR A 172 -18.64 1.31 1.24
CA THR A 172 -18.42 2.19 0.12
C THR A 172 -17.17 3.05 0.33
N ALA A 173 -16.65 3.66 -0.74
CA ALA A 173 -15.53 4.59 -0.57
C ALA A 173 -15.83 5.66 0.48
N GLU A 174 -17.04 6.18 0.45
CA GLU A 174 -17.44 7.23 1.38
C GLU A 174 -17.35 6.76 2.83
N GLU A 175 -17.86 5.56 3.07
CA GLU A 175 -17.81 5.04 4.40
C GLU A 175 -16.39 4.73 4.82
N ALA A 176 -15.64 4.19 3.88
CA ALA A 176 -14.24 3.86 4.16
C ALA A 176 -13.45 5.10 4.55
N GLU A 177 -13.68 6.22 3.85
CA GLU A 177 -12.98 7.45 4.18
C GLU A 177 -13.44 7.99 5.55
N ARG A 178 -14.70 7.87 5.83
CA ARG A 178 -15.24 8.39 7.06
C ARG A 178 -14.65 7.75 8.31
N VAL A 179 -14.29 6.48 8.19
CA VAL A 179 -13.80 5.74 9.35
C VAL A 179 -12.30 5.44 9.31
N GLY A 180 -11.59 6.02 8.35
CA GLY A 180 -10.12 6.06 8.36
C GLY A 180 -9.40 5.03 7.50
N LEU A 181 -10.13 4.31 6.67
CA LEU A 181 -9.50 3.28 5.85
C LEU A 181 -8.72 3.87 4.66
N VAL A 182 -9.18 5.01 4.16
CA VAL A 182 -8.55 5.58 2.97
C VAL A 182 -8.16 7.03 3.20
N SER A 183 -7.20 7.50 2.39
CA SER A 183 -6.65 8.85 2.52
C SER A 183 -7.60 9.88 1.92
N ARG A 184 -8.09 9.58 0.71
CA ARG A 184 -8.89 10.53 -0.09
C ARG A 184 -9.86 9.79 -0.96
N ILE A 185 -10.96 10.44 -1.29
CA ILE A 185 -11.89 9.96 -2.31
C ILE A 185 -11.95 10.98 -3.43
N VAL A 186 -11.98 10.48 -4.65
CA VAL A 186 -12.16 11.31 -5.83
C VAL A 186 -13.11 10.61 -6.81
N PRO A 187 -13.70 11.36 -7.75
CA PRO A 187 -14.51 10.71 -8.77
C PRO A 187 -13.72 9.67 -9.56
N ALA A 188 -14.38 8.60 -9.97
CA ALA A 188 -13.71 7.53 -10.71
C ALA A 188 -12.90 7.99 -11.93
N ALA A 189 -13.41 8.95 -12.68
CA ALA A 189 -12.70 9.43 -13.86
C ALA A 189 -11.40 10.14 -13.51
N ASP A 190 -11.26 10.59 -12.26
CA ASP A 190 -10.10 11.36 -11.82
C ASP A 190 -9.10 10.53 -11.00
N LEU A 191 -9.38 9.23 -10.84
CA LEU A 191 -8.59 8.42 -9.88
C LEU A 191 -7.11 8.34 -10.23
N LEU A 192 -6.79 7.94 -11.46
CA LEU A 192 -5.38 7.78 -11.82
C LEU A 192 -4.65 9.12 -11.83
N ASP A 193 -5.31 10.17 -12.34
CA ASP A 193 -4.72 11.51 -12.27
C ASP A 193 -4.41 11.92 -10.85
N GLU A 194 -5.34 11.70 -9.91
CA GLU A 194 -5.12 12.06 -8.51
C GLU A 194 -3.96 11.27 -7.92
N ALA A 195 -3.95 9.96 -8.17
CA ALA A 195 -2.91 9.11 -7.61
C ALA A 195 -1.53 9.44 -8.16
N LEU A 196 -1.46 9.72 -9.47
CA LEU A 196 -0.18 10.11 -10.06
C LEU A 196 0.30 11.47 -9.60
N ALA A 197 -0.63 12.42 -9.40
CA ALA A 197 -0.27 13.73 -8.88
C ALA A 197 0.22 13.64 -7.43
N VAL A 198 -0.47 12.84 -6.61
CA VAL A 198 -0.06 12.63 -5.21
C VAL A 198 1.32 11.97 -5.17
N ALA A 199 1.52 10.93 -5.98
CA ALA A 199 2.79 10.25 -6.03
C ALA A 199 3.90 11.17 -6.52
N GLN A 200 3.63 12.02 -7.53
CA GLN A 200 4.69 12.92 -7.99
C GLN A 200 5.05 13.95 -6.93
N ARG A 201 4.05 14.42 -6.18
CA ARG A 201 4.27 15.38 -5.09
C ARG A 201 5.22 14.73 -4.06
N ILE A 202 4.91 13.48 -3.70
CA ILE A 202 5.77 12.75 -2.76
C ILE A 202 7.20 12.60 -3.31
N ALA A 203 7.28 12.30 -4.60
CA ALA A 203 8.59 12.11 -5.27
C ALA A 203 9.40 13.41 -5.36
N ARG A 204 8.74 14.55 -5.24
CA ARG A 204 9.44 15.85 -5.24
C ARG A 204 9.96 16.21 -3.86
N MET A 205 9.55 15.45 -2.85
CA MET A 205 10.02 15.68 -1.51
C MET A 205 11.38 15.03 -1.27
N SER A 206 12.02 15.46 -0.18
CA SER A 206 13.28 14.88 0.29
C SER A 206 13.16 13.35 0.39
N ARG A 207 14.12 12.64 -0.21
CA ARG A 207 14.14 11.18 -0.16
C ARG A 207 14.33 10.63 1.27
N PRO A 208 15.38 11.06 1.99
CA PRO A 208 15.53 10.54 3.36
C PRO A 208 14.39 10.94 4.28
N ALA A 209 13.83 12.14 4.08
CA ALA A 209 12.69 12.55 4.91
C ALA A 209 11.47 11.69 4.62
N GLY A 210 11.24 11.36 3.36
CA GLY A 210 10.13 10.43 3.00
C GLY A 210 10.31 9.07 3.64
N ARG A 211 11.53 8.52 3.60
CA ARG A 211 11.77 7.23 4.20
C ARG A 211 11.53 7.30 5.70
N ALA A 212 12.00 8.38 6.32
CA ALA A 212 11.89 8.55 7.77
C ALA A 212 10.43 8.67 8.23
N VAL A 213 9.65 9.46 7.49
CA VAL A 213 8.19 9.58 7.75
C VAL A 213 7.53 8.20 7.69
N LYS A 214 7.74 7.49 6.58
CA LYS A 214 7.13 6.17 6.39
C LYS A 214 7.51 5.19 7.51
N ASP A 215 8.82 5.17 7.83
CA ASP A 215 9.31 4.30 8.89
CA ASP A 215 9.31 4.31 8.86
C ASP A 215 8.68 4.64 10.23
N ALA A 216 8.55 5.94 10.53
CA ALA A 216 8.04 6.34 11.83
C ALA A 216 6.55 6.05 11.97
N ILE A 217 5.77 6.30 10.91
CA ILE A 217 4.34 5.97 10.94
C ILE A 217 4.16 4.45 11.07
N ASN A 218 4.94 3.67 10.31
CA ASN A 218 4.88 2.22 10.53
C ASN A 218 5.22 1.83 11.99
N GLU A 219 6.20 2.50 12.57
CA GLU A 219 6.59 2.17 13.95
C GLU A 219 5.50 2.49 14.96
N ALA A 220 4.56 3.38 14.61
CA ALA A 220 3.45 3.73 15.51
C ALA A 220 2.60 2.53 15.90
N PHE A 221 2.64 1.46 15.09
CA PHE A 221 1.87 0.25 15.37
C PHE A 221 2.66 -0.84 16.08
N GLU A 222 3.94 -0.54 16.35
CA GLU A 222 4.86 -1.52 16.95
C GLU A 222 5.23 -1.30 18.40
N ARG A 223 4.91 -0.13 18.95
CA ARG A 223 5.39 0.28 20.29
C ARG A 223 4.27 1.00 21.04
N PRO A 224 4.32 1.00 22.38
CA PRO A 224 3.48 1.92 23.16
C PRO A 224 3.88 3.35 22.82
N LEU A 225 2.97 4.27 23.08
CA LEU A 225 3.19 5.67 22.68
C LEU A 225 4.49 6.25 23.25
N SER A 226 4.79 5.97 24.52
CA SER A 226 5.99 6.52 25.12
CA SER A 226 6.00 6.51 25.13
C SER A 226 7.24 6.12 24.33
N ALA A 227 7.34 4.85 23.99
CA ALA A 227 8.48 4.36 23.24
C ALA A 227 8.44 4.82 21.78
N GLY A 228 7.25 4.96 21.20
CA GLY A 228 7.13 5.52 19.86
C GLY A 228 7.58 6.96 19.80
N MET A 229 7.27 7.73 20.84
CA MET A 229 7.71 9.13 20.92
C MET A 229 9.23 9.21 20.99
N ARG A 230 9.85 8.29 21.75
CA ARG A 230 11.32 8.24 21.85
C ARG A 230 11.93 7.90 20.50
N TYR A 231 11.34 6.90 19.81
CA TYR A 231 11.77 6.52 18.46
CA TYR A 231 11.79 6.53 18.47
C TYR A 231 11.70 7.72 17.51
N GLU A 232 10.57 8.41 17.51
CA GLU A 232 10.37 9.54 16.61
C GLU A 232 11.32 10.69 16.94
N ARG A 233 11.55 10.93 18.23
CA ARG A 233 12.49 11.98 18.62
C ARG A 233 13.90 11.70 18.15
N ASP A 234 14.34 10.44 18.25
CA ASP A 234 15.68 10.06 17.74
C ASP A 234 15.73 10.28 16.23
N ALA A 235 14.67 9.87 15.51
CA ALA A 235 14.65 10.05 14.05
C ALA A 235 14.69 11.53 13.67
N PHE A 236 13.99 12.35 14.45
CA PHE A 236 13.95 13.80 14.23
C PHE A 236 15.36 14.42 14.41
N TYR A 237 16.01 14.11 15.53
CA TYR A 237 17.38 14.61 15.73
C TYR A 237 18.25 14.25 14.52
N ALA A 238 18.12 13.02 14.04
CA ALA A 238 19.00 12.53 12.96
C ALA A 238 18.78 13.23 11.63
N MET A 239 17.60 13.84 11.43
CA MET A 239 17.35 14.52 10.17
C MET A 239 18.21 15.78 10.04
N PHE A 240 18.70 16.28 11.16
CA PHE A 240 19.49 17.49 11.14
C PHE A 240 20.90 17.24 10.65
N ASP A 241 21.20 15.97 10.41
CA ASP A 241 22.45 15.52 9.82
C ASP A 241 22.43 15.68 8.30
N THR A 242 21.25 15.88 7.72
CA THR A 242 21.13 15.84 6.27
C THR A 242 21.29 17.21 5.58
N HIS A 243 21.81 17.20 4.35
CA HIS A 243 21.79 18.37 3.48
C HIS A 243 20.34 18.87 3.20
N ASP A 244 19.42 17.93 2.99
CA ASP A 244 18.03 18.30 2.67
C ASP A 244 17.35 19.10 3.77
N GLN A 245 17.71 18.85 5.02
CA GLN A 245 17.15 19.65 6.11
C GLN A 245 17.60 21.10 6.01
N THR A 246 18.90 21.30 5.79
CA THR A 246 19.39 22.67 5.67
C THR A 246 18.76 23.36 4.46
N GLU A 247 18.71 22.66 3.33
CA GLU A 247 18.18 23.21 2.11
C GLU A 247 16.66 23.50 2.21
N GLY A 248 15.92 22.56 2.79
CA GLY A 248 14.48 22.74 2.95
C GLY A 248 14.13 23.94 3.82
N MET A 249 14.80 24.05 4.96
CA MET A 249 14.54 25.17 5.87
C MET A 249 15.07 26.52 5.34
N THR A 250 16.23 26.48 4.67
CA THR A 250 16.77 27.71 4.07
C THR A 250 15.86 28.21 2.95
N ALA A 251 15.35 27.29 2.13
CA ALA A 251 14.46 27.64 1.04
C ALA A 251 13.18 28.30 1.55
N PHE A 252 12.63 27.74 2.63
CA PHE A 252 11.48 28.33 3.29
C PHE A 252 11.75 29.78 3.70
N LEU A 253 12.84 29.97 4.45
CA LEU A 253 13.23 31.29 4.94
C LEU A 253 13.55 32.29 3.84
N GLU A 254 14.07 31.80 2.71
CA GLU A 254 14.39 32.65 1.55
C GLU A 254 13.25 32.72 0.53
N LYS A 255 12.06 32.26 0.93
CA LYS A 255 10.85 32.31 0.09
C LYS A 255 11.08 31.78 -1.35
N ARG A 256 11.80 30.65 -1.45
CA ARG A 256 12.12 30.03 -2.75
C ARG A 256 11.85 28.52 -2.73
N THR A 257 11.95 27.88 -3.89
CA THR A 257 11.75 26.44 -4.01
C THR A 257 13.03 25.72 -3.56
N PRO A 258 12.89 24.67 -2.74
CA PRO A 258 14.06 23.88 -2.37
C PRO A 258 14.55 23.00 -3.51
N GLU A 259 15.85 22.76 -3.53
CA GLU A 259 16.45 21.84 -4.47
C GLU A 259 17.03 20.68 -3.68
N PHE A 260 16.22 19.65 -3.46
CA PHE A 260 16.63 18.50 -2.65
C PHE A 260 17.56 17.61 -3.44
N THR A 261 18.61 17.15 -2.78
CA THR A 261 19.61 16.34 -3.45
C THR A 261 19.95 15.00 -2.80
N ASP A 262 19.54 14.80 -1.54
CA ASP A 262 19.97 13.60 -0.83
C ASP A 262 19.34 12.36 -1.45
N ARG A 263 20.08 11.25 -1.42
CA ARG A 263 19.58 10.00 -1.97
C ARG A 263 18.80 9.20 -0.95
S SO4 B . -2.23 0.01 19.94
O1 SO4 B . -0.97 0.75 19.92
O2 SO4 B . -2.00 -1.30 19.33
O3 SO4 B . -2.65 -0.18 21.32
O4 SO4 B . -3.26 0.73 19.19
C TRS C . 1.09 -2.37 22.24
C1 TRS C . -0.28 -2.72 22.79
C2 TRS C . 1.16 -2.75 20.77
C3 TRS C . 1.33 -0.87 22.39
N TRS C . 2.12 -3.10 22.99
O1 TRS C . -0.61 -4.06 22.47
O2 TRS C . 2.32 -2.20 20.17
O3 TRS C . 1.09 -0.48 23.73
C1 EDO D . -7.35 -14.39 1.72
O1 EDO D . -8.23 -13.36 1.24
C2 EDO D . -6.04 -13.73 2.12
O2 EDO D . -6.36 -12.91 3.27
C1 EDO E . -10.96 -14.06 -0.65
O1 EDO E . -9.80 -13.26 -0.79
C2 EDO E . -12.10 -13.20 -0.15
O2 EDO E . -12.36 -12.12 -1.08
C1 GOL F . 8.61 1.28 -19.16
O1 GOL F . 8.91 0.70 -17.91
C2 GOL F . 8.29 2.76 -18.94
O2 GOL F . 9.33 3.57 -19.45
C3 GOL F . 6.98 3.10 -19.65
O3 GOL F . 6.48 4.32 -19.16
C1 GOL G . -23.44 5.34 4.35
O1 GOL G . -23.20 4.76 5.61
C2 GOL G . -22.17 5.52 3.57
O2 GOL G . -21.95 6.86 3.45
C3 GOL G . -22.00 4.75 2.25
O3 GOL G . -21.98 5.49 1.08
NA NA H . 21.82 20.77 10.16
#